data_1F56
#
_entry.id   1F56
#
_cell.length_a   37.500
_cell.length_b   41.832
_cell.length_c   158.300
_cell.angle_alpha   90
_cell.angle_beta   90
_cell.angle_gamma   90
#
_symmetry.space_group_name_H-M   'P 21 21 21'
#
loop_
_entity.id
_entity.type
_entity.pdbx_description
1 polymer PLANTACYANIN
2 non-polymer 'SULFATE ION'
3 non-polymer 'COPPER (I) ION'
4 water water
#
_entity_poly.entity_id   1
_entity_poly.type   'polypeptide(L)'
_entity_poly.pdbx_seq_one_letter_code
;AVYNIGWSFNVNGARGKSFRAGDVLVFKYIKGQHNVVAVNGRGYASCSAPRGARTYSSGQDRIKLTRGQNYFICSFPGHC
GGGMKIAINAK
;
_entity_poly.pdbx_strand_id   A,B,C
#
# COMPACT_ATOMS: atom_id res chain seq x y z
N ALA A 1 -14.13 2.14 33.83
CA ALA A 1 -14.50 2.50 32.44
C ALA A 1 -14.11 1.37 31.47
N VAL A 2 -14.72 1.35 30.29
CA VAL A 2 -14.42 0.34 29.28
C VAL A 2 -13.84 1.04 28.04
N TYR A 3 -12.69 0.55 27.57
CA TYR A 3 -12.00 1.12 26.41
C TYR A 3 -11.66 0.06 25.34
N ASN A 4 -11.93 0.38 24.07
CA ASN A 4 -11.61 -0.55 22.98
C ASN A 4 -10.15 -0.31 22.56
N ILE A 5 -9.38 -1.39 22.33
CA ILE A 5 -8.00 -1.24 21.88
C ILE A 5 -7.88 -1.79 20.46
N GLY A 6 -7.24 -1.07 19.56
CA GLY A 6 -7.08 -1.57 18.19
C GLY A 6 -5.83 -2.44 18.24
N TRP A 7 -6.01 -3.74 18.33
CA TRP A 7 -4.89 -4.67 18.45
C TRP A 7 -4.31 -5.04 17.10
N SER A 8 -3.25 -4.36 16.71
CA SER A 8 -2.59 -4.61 15.44
C SER A 8 -1.11 -4.27 15.58
N PHE A 9 -0.34 -4.47 14.51
CA PHE A 9 1.10 -4.17 14.57
C PHE A 9 1.26 -2.73 15.02
N ASN A 10 0.34 -1.87 14.62
CA ASN A 10 0.38 -0.49 15.06
C ASN A 10 -0.80 -0.37 16.03
N VAL A 11 -0.52 -0.62 17.31
CA VAL A 11 -1.56 -0.58 18.34
C VAL A 11 -2.16 0.80 18.53
N ASN A 12 -3.49 0.89 18.62
CA ASN A 12 -4.10 2.19 18.83
C ASN A 12 -5.07 2.19 20.01
N GLY A 13 -5.23 3.36 20.62
CA GLY A 13 -6.15 3.52 21.74
C GLY A 13 -5.50 3.57 23.12
N ALA A 14 -4.18 3.40 23.17
CA ALA A 14 -3.48 3.41 24.45
C ALA A 14 -2.49 4.56 24.64
N ARG A 15 -1.94 5.04 23.55
CA ARG A 15 -0.94 6.13 23.59
C ARG A 15 -1.44 7.47 24.13
N GLY A 16 -0.74 7.98 25.13
CA GLY A 16 -1.08 9.27 25.71
C GLY A 16 -2.40 9.36 26.45
N LYS A 17 -3.00 8.22 26.77
CA LYS A 17 -4.27 8.21 27.48
C LYS A 17 -4.11 7.66 28.89
N SER A 18 -4.93 8.16 29.82
CA SER A 18 -4.85 7.75 31.21
C SER A 18 -5.78 6.61 31.57
N PHE A 19 -5.25 5.64 32.31
CA PHE A 19 -6.03 4.48 32.71
C PHE A 19 -6.06 4.36 34.23
N ARG A 20 -7.07 3.65 34.73
CA ARG A 20 -7.27 3.45 36.16
C ARG A 20 -7.50 1.99 36.47
N ALA A 21 -7.12 1.59 37.68
CA ALA A 21 -7.31 0.21 38.13
C ALA A 21 -8.79 -0.10 37.96
N GLY A 22 -9.14 -1.30 37.52
CA GLY A 22 -10.56 -1.61 37.36
C GLY A 22 -11.10 -1.41 35.95
N ASP A 23 -10.43 -0.58 35.14
CA ASP A 23 -10.87 -0.36 33.77
C ASP A 23 -10.82 -1.68 33.00
N VAL A 24 -11.70 -1.80 32.02
CA VAL A 24 -11.77 -2.98 31.17
C VAL A 24 -11.24 -2.60 29.78
N LEU A 25 -10.24 -3.32 29.28
CA LEU A 25 -9.73 -3.08 27.93
C LEU A 25 -10.34 -4.13 27.02
N VAL A 26 -10.80 -3.72 25.85
CA VAL A 26 -11.35 -4.69 24.93
C VAL A 26 -10.45 -4.73 23.71
N PHE A 27 -9.68 -5.81 23.59
CA PHE A 27 -8.77 -5.98 22.47
C PHE A 27 -9.56 -6.49 21.26
N LYS A 28 -9.57 -5.67 20.21
CA LYS A 28 -10.32 -5.99 19.00
C LYS A 28 -9.40 -6.25 17.82
N TYR A 29 -9.66 -7.39 17.16
CA TYR A 29 -8.88 -7.83 16.01
C TYR A 29 -9.58 -9.05 15.39
N ILE A 30 -9.05 -9.57 14.30
CA ILE A 30 -9.67 -10.73 13.65
C ILE A 30 -9.16 -11.99 14.31
N LYS A 31 -10.10 -12.77 14.84
CA LYS A 31 -9.78 -14.02 15.51
C LYS A 31 -8.88 -14.89 14.64
N GLY A 32 -7.76 -15.34 15.20
CA GLY A 32 -6.85 -16.19 14.45
C GLY A 32 -5.63 -15.50 13.91
N GLN A 33 -5.71 -14.19 13.75
CA GLN A 33 -4.58 -13.43 13.22
C GLN A 33 -3.62 -12.91 14.26
N HIS A 34 -4.07 -12.86 15.51
CA HIS A 34 -3.27 -12.40 16.64
C HIS A 34 -3.79 -13.07 17.92
N ASN A 35 -3.10 -12.78 19.01
CA ASN A 35 -3.53 -13.22 20.32
C ASN A 35 -3.08 -12.13 21.30
N VAL A 36 -3.58 -12.22 22.54
CA VAL A 36 -3.21 -11.27 23.58
C VAL A 36 -2.70 -12.09 24.76
N VAL A 37 -1.45 -11.90 25.13
CA VAL A 37 -0.88 -12.63 26.25
C VAL A 37 -0.52 -11.61 27.33
N ALA A 38 -1.02 -11.84 28.56
CA ALA A 38 -0.73 -10.96 29.70
C ALA A 38 0.57 -11.49 30.28
N VAL A 39 1.61 -10.66 30.25
CA VAL A 39 2.92 -11.08 30.71
C VAL A 39 3.45 -10.19 31.84
N ASN A 40 4.65 -10.48 32.33
CA ASN A 40 5.25 -9.65 33.37
C ASN A 40 6.24 -8.70 32.72
N GLY A 41 6.87 -7.84 33.52
CA GLY A 41 7.83 -6.87 33.00
C GLY A 41 8.99 -7.45 32.21
N ARG A 42 9.64 -8.48 32.75
CA ARG A 42 10.77 -9.09 32.02
C ARG A 42 10.28 -9.74 30.73
N GLY A 43 9.10 -10.36 30.77
CA GLY A 43 8.57 -10.99 29.58
C GLY A 43 8.27 -9.93 28.53
N TYR A 44 7.81 -8.77 28.98
CA TYR A 44 7.51 -7.65 28.09
C TYR A 44 8.80 -7.13 27.44
N ALA A 45 9.85 -7.00 28.23
CA ALA A 45 11.12 -6.48 27.74
C ALA A 45 11.80 -7.36 26.71
N SER A 46 11.57 -8.67 26.78
CA SER A 46 12.22 -9.60 25.86
C SER A 46 11.25 -10.26 24.91
N CYS A 47 10.04 -9.71 24.80
CA CYS A 47 9.02 -10.28 23.92
C CYS A 47 8.83 -11.78 24.09
N SER A 48 8.77 -12.24 25.34
CA SER A 48 8.61 -13.65 25.63
C SER A 48 7.71 -13.86 26.85
N ALA A 49 6.65 -14.63 26.68
CA ALA A 49 5.71 -14.88 27.75
C ALA A 49 6.26 -15.84 28.79
N PRO A 50 6.09 -15.50 30.09
CA PRO A 50 6.59 -16.38 31.15
C PRO A 50 5.72 -17.62 31.27
N ARG A 51 6.24 -18.66 31.91
CA ARG A 51 5.48 -19.91 32.06
C ARG A 51 4.12 -19.67 32.74
N GLY A 52 3.08 -20.27 32.17
CA GLY A 52 1.76 -20.12 32.74
C GLY A 52 0.99 -18.85 32.38
N ALA A 53 1.63 -17.95 31.64
CA ALA A 53 0.99 -16.70 31.21
C ALA A 53 -0.38 -16.99 30.59
N ARG A 54 -1.33 -16.07 30.77
CA ARG A 54 -2.67 -16.27 30.23
C ARG A 54 -2.82 -15.72 28.83
N THR A 55 -3.40 -16.53 27.95
CA THR A 55 -3.63 -16.16 26.56
C THR A 55 -5.12 -15.91 26.28
N TYR A 56 -5.40 -14.91 25.44
CA TYR A 56 -6.77 -14.56 25.05
C TYR A 56 -6.74 -14.56 23.53
N SER A 57 -7.75 -15.14 22.90
CA SER A 57 -7.72 -15.27 21.45
C SER A 57 -9.03 -15.07 20.71
N SER A 58 -10.00 -14.42 21.33
CA SER A 58 -11.31 -14.28 20.68
C SER A 58 -11.50 -13.14 19.69
N GLY A 59 -10.57 -12.19 19.63
CA GLY A 59 -10.77 -11.09 18.70
C GLY A 59 -11.52 -9.94 19.37
N GLN A 60 -12.05 -10.19 20.56
CA GLN A 60 -12.76 -9.18 21.35
C GLN A 60 -12.64 -9.60 22.81
N ASP A 61 -11.38 -9.64 23.28
CA ASP A 61 -11.05 -10.06 24.62
C ASP A 61 -11.22 -8.94 25.64
N ARG A 62 -11.99 -9.22 26.69
CA ARG A 62 -12.24 -8.26 27.76
C ARG A 62 -11.30 -8.57 28.90
N ILE A 63 -10.40 -7.65 29.19
CA ILE A 63 -9.44 -7.85 30.26
C ILE A 63 -9.46 -6.66 31.23
N LYS A 64 -9.63 -6.96 32.51
CA LYS A 64 -9.64 -5.92 33.53
C LYS A 64 -8.21 -5.60 33.98
N LEU A 65 -7.92 -4.31 34.16
CA LEU A 65 -6.60 -3.86 34.59
C LEU A 65 -6.43 -3.93 36.10
N THR A 66 -5.25 -4.32 36.57
CA THR A 66 -5.00 -4.34 38.01
C THR A 66 -4.19 -3.09 38.33
N ARG A 67 -4.22 -2.64 39.57
CA ARG A 67 -3.48 -1.44 39.94
C ARG A 67 -1.98 -1.61 39.62
N GLY A 68 -1.40 -0.59 39.00
CA GLY A 68 0.00 -0.64 38.64
C GLY A 68 0.21 -1.00 37.17
N GLN A 69 1.36 -1.62 36.88
CA GLN A 69 1.69 -1.99 35.51
C GLN A 69 0.98 -3.26 35.00
N ASN A 70 0.53 -3.17 33.75
CA ASN A 70 -0.17 -4.27 33.06
C ASN A 70 0.52 -4.36 31.70
N TYR A 71 1.11 -5.51 31.41
CA TYR A 71 1.84 -5.71 30.15
C TYR A 71 1.14 -6.72 29.25
N PHE A 72 1.11 -6.44 27.96
CA PHE A 72 0.48 -7.36 27.02
C PHE A 72 1.31 -7.44 25.74
N ILE A 73 1.39 -8.62 25.12
CA ILE A 73 2.12 -8.78 23.86
C ILE A 73 1.34 -9.77 22.99
N CYS A 74 1.64 -9.79 21.70
CA CYS A 74 1.05 -10.78 20.80
C CYS A 74 2.23 -11.71 20.73
N SER A 75 2.01 -13.02 20.85
CA SER A 75 3.16 -13.92 20.83
C SER A 75 3.48 -14.60 19.49
N PHE A 76 2.67 -14.38 18.46
CA PHE A 76 2.96 -15.02 17.18
C PHE A 76 4.31 -14.51 16.67
N PRO A 77 5.06 -15.37 15.94
CA PRO A 77 6.39 -15.04 15.39
C PRO A 77 6.45 -13.73 14.64
N GLY A 78 7.35 -12.84 15.06
CA GLY A 78 7.50 -11.54 14.42
C GLY A 78 6.54 -10.44 14.88
N HIS A 79 5.47 -10.78 15.57
CA HIS A 79 4.53 -9.73 15.97
C HIS A 79 4.96 -8.82 17.12
N CYS A 80 5.53 -9.39 18.18
CA CYS A 80 5.97 -8.56 19.30
C CYS A 80 7.13 -7.67 18.81
N GLY A 81 8.07 -8.26 18.08
CA GLY A 81 9.19 -7.50 17.56
C GLY A 81 8.69 -6.43 16.60
N GLY A 82 7.52 -6.67 15.99
CA GLY A 82 6.95 -5.71 15.07
C GLY A 82 6.19 -4.61 15.77
N GLY A 83 6.22 -4.63 17.11
CA GLY A 83 5.54 -3.59 17.87
C GLY A 83 4.26 -3.98 18.59
N MET A 84 3.85 -5.23 18.46
CA MET A 84 2.64 -5.63 19.15
C MET A 84 2.88 -5.91 20.63
N LYS A 85 2.99 -4.83 21.40
CA LYS A 85 3.20 -4.96 22.84
C LYS A 85 2.82 -3.62 23.47
N ILE A 86 2.25 -3.65 24.67
CA ILE A 86 1.91 -2.42 25.36
C ILE A 86 2.03 -2.57 26.87
N ALA A 87 2.36 -1.46 27.50
CA ALA A 87 2.50 -1.39 28.94
C ALA A 87 1.54 -0.28 29.35
N ILE A 88 0.57 -0.62 30.18
CA ILE A 88 -0.43 0.34 30.67
C ILE A 88 -0.23 0.52 32.16
N ASN A 89 -0.17 1.77 32.62
CA ASN A 89 -0.03 2.07 34.04
C ASN A 89 -1.44 2.38 34.54
N ALA A 90 -2.03 1.48 35.31
CA ALA A 90 -3.36 1.69 35.83
C ALA A 90 -3.25 2.26 37.24
N LYS A 91 -3.63 3.54 37.39
CA LYS A 91 -3.54 4.24 38.67
C LYS A 91 -4.68 3.88 39.62
N ALA B 1 -4.01 -15.28 4.59
CA ALA B 1 -3.06 -15.66 3.50
C ALA B 1 -2.96 -14.52 2.50
N VAL B 2 -1.77 -14.33 1.95
CA VAL B 2 -1.54 -13.27 0.96
C VAL B 2 -1.52 -13.83 -0.46
N TYR B 3 -2.32 -13.21 -1.35
CA TYR B 3 -2.39 -13.62 -2.75
C TYR B 3 -2.04 -12.45 -3.63
N ASN B 4 -1.30 -12.70 -4.71
CA ASN B 4 -0.94 -11.61 -5.63
C ASN B 4 -1.82 -11.67 -6.87
N ILE B 5 -2.34 -10.51 -7.27
CA ILE B 5 -3.17 -10.44 -8.45
C ILE B 5 -2.45 -9.62 -9.54
N GLY B 6 -2.33 -10.19 -10.74
CA GLY B 6 -1.73 -9.47 -11.85
C GLY B 6 -2.92 -8.67 -12.33
N TRP B 7 -2.92 -7.36 -12.06
CA TRP B 7 -4.07 -6.54 -12.40
C TRP B 7 -3.92 -5.85 -13.75
N SER B 8 -4.60 -6.37 -14.78
CA SER B 8 -4.57 -5.75 -16.11
C SER B 8 -5.84 -6.15 -16.84
N PHE B 9 -5.93 -5.83 -18.12
CA PHE B 9 -7.11 -6.20 -18.89
C PHE B 9 -7.32 -7.71 -18.79
N ASN B 10 -6.22 -8.46 -18.75
CA ASN B 10 -6.29 -9.91 -18.54
C ASN B 10 -5.87 -10.04 -17.10
N VAL B 11 -6.77 -10.51 -16.24
CA VAL B 11 -6.49 -10.66 -14.81
C VAL B 11 -5.83 -12.00 -14.54
N ASN B 12 -4.65 -12.00 -13.92
CA ASN B 12 -3.94 -13.24 -13.61
C ASN B 12 -3.94 -13.56 -12.13
N GLY B 13 -4.00 -14.85 -11.80
CA GLY B 13 -3.92 -15.28 -10.41
C GLY B 13 -5.14 -15.29 -9.50
N ALA B 14 -6.33 -15.07 -10.04
CA ALA B 14 -7.52 -15.08 -9.20
C ALA B 14 -8.18 -16.45 -9.17
N ARG B 15 -8.09 -17.16 -10.29
CA ARG B 15 -8.72 -18.47 -10.41
C ARG B 15 -8.19 -19.59 -9.52
N GLY B 16 -9.04 -20.60 -9.34
CA GLY B 16 -8.69 -21.77 -8.55
C GLY B 16 -8.04 -21.51 -7.21
N LYS B 17 -8.66 -20.64 -6.42
CA LYS B 17 -8.12 -20.33 -5.11
C LYS B 17 -9.25 -20.29 -4.09
N SER B 18 -8.93 -20.66 -2.86
CA SER B 18 -9.92 -20.66 -1.80
C SER B 18 -9.65 -19.45 -0.92
N PHE B 19 -10.45 -18.41 -1.10
CA PHE B 19 -10.28 -17.20 -0.32
C PHE B 19 -11.15 -17.27 0.92
N ARG B 20 -10.68 -16.64 2.01
CA ARG B 20 -11.42 -16.61 3.26
C ARG B 20 -11.36 -15.16 3.71
N ALA B 21 -12.33 -14.74 4.51
CA ALA B 21 -12.34 -13.38 5.02
C ALA B 21 -11.03 -13.22 5.77
N GLY B 22 -10.44 -12.02 5.73
CA GLY B 22 -9.18 -11.82 6.41
C GLY B 22 -7.97 -12.00 5.47
N ASP B 23 -8.17 -12.70 4.36
CA ASP B 23 -7.09 -12.89 3.39
C ASP B 23 -6.77 -11.52 2.77
N VAL B 24 -5.54 -11.35 2.32
CA VAL B 24 -5.10 -10.09 1.72
C VAL B 24 -4.71 -10.22 0.26
N LEU B 25 -5.39 -9.48 -0.62
CA LEU B 25 -5.06 -9.50 -2.05
C LEU B 25 -4.10 -8.36 -2.29
N VAL B 26 -3.07 -8.60 -3.10
CA VAL B 26 -2.11 -7.55 -3.45
C VAL B 26 -2.29 -7.33 -4.94
N PHE B 27 -2.83 -6.18 -5.33
CA PHE B 27 -3.01 -5.91 -6.75
C PHE B 27 -1.73 -5.28 -7.24
N LYS B 28 -1.18 -5.83 -8.33
CA LYS B 28 0.06 -5.32 -8.89
C LYS B 28 -0.12 -4.81 -10.30
N TYR B 29 0.28 -3.57 -10.50
CA TYR B 29 0.18 -2.92 -11.81
C TYR B 29 1.05 -1.68 -11.74
N ILE B 30 1.10 -0.92 -12.82
CA ILE B 30 1.92 0.27 -12.86
C ILE B 30 1.16 1.51 -12.38
N LYS B 31 1.69 2.16 -11.36
CA LYS B 31 1.05 3.34 -10.80
C LYS B 31 0.66 4.29 -11.92
N GLY B 32 -0.57 4.80 -11.84
CA GLY B 32 -1.05 5.74 -12.85
C GLY B 32 -1.71 5.14 -14.08
N GLN B 33 -1.52 3.85 -14.32
CA GLN B 33 -2.14 3.20 -15.49
C GLN B 33 -3.52 2.58 -15.20
N HIS B 34 -3.79 2.28 -13.92
CA HIS B 34 -5.05 1.68 -13.51
C HIS B 34 -5.30 2.08 -12.05
N ASN B 35 -6.43 1.64 -11.51
CA ASN B 35 -6.72 1.84 -10.10
C ASN B 35 -7.56 0.65 -9.70
N VAL B 36 -7.81 0.49 -8.41
CA VAL B 36 -8.62 -0.61 -7.92
C VAL B 36 -9.73 0.04 -7.10
N VAL B 37 -10.97 -0.22 -7.50
CA VAL B 37 -12.13 0.37 -6.83
C VAL B 37 -13.03 -0.70 -6.27
N ALA B 38 -13.26 -0.65 -4.96
CA ALA B 38 -14.14 -1.62 -4.32
C ALA B 38 -15.59 -1.18 -4.59
N VAL B 39 -16.37 -2.04 -5.25
CA VAL B 39 -17.74 -1.70 -5.56
C VAL B 39 -18.73 -2.71 -5.01
N ASN B 40 -19.99 -2.53 -5.36
CA ASN B 40 -21.05 -3.43 -4.93
C ASN B 40 -21.54 -4.24 -6.13
N GLY B 41 -22.43 -5.20 -5.91
CA GLY B 41 -22.96 -6.04 -6.98
C GLY B 41 -23.46 -5.23 -8.16
N ARG B 42 -24.17 -4.15 -7.87
CA ARG B 42 -24.70 -3.29 -8.91
C ARG B 42 -23.56 -2.65 -9.72
N GLY B 43 -22.55 -2.13 -9.01
CA GLY B 43 -21.43 -1.52 -9.69
C GLY B 43 -20.67 -2.49 -10.57
N TYR B 44 -20.51 -3.72 -10.08
CA TYR B 44 -19.80 -4.76 -10.83
C TYR B 44 -20.52 -5.09 -12.14
N ALA B 45 -21.85 -5.22 -12.06
CA ALA B 45 -22.67 -5.59 -13.22
C ALA B 45 -22.77 -4.53 -14.30
N SER B 46 -22.66 -3.26 -13.92
CA SER B 46 -22.76 -2.20 -14.91
C SER B 46 -21.44 -1.47 -15.07
N CYS B 47 -20.38 -2.02 -14.49
CA CYS B 47 -19.08 -1.40 -14.56
C CYS B 47 -19.14 0.06 -14.13
N SER B 48 -19.70 0.30 -12.95
CA SER B 48 -19.81 1.63 -12.42
C SER B 48 -19.54 1.62 -10.92
N ALA B 49 -18.76 2.59 -10.46
CA ALA B 49 -18.41 2.69 -9.06
C ALA B 49 -19.47 3.49 -8.32
N PRO B 50 -19.97 2.96 -7.20
CA PRO B 50 -20.98 3.71 -6.45
C PRO B 50 -20.36 4.97 -5.81
N ARG B 51 -21.22 5.84 -5.31
CA ARG B 51 -20.80 7.09 -4.68
C ARG B 51 -19.82 6.85 -3.53
N GLY B 52 -18.69 7.55 -3.55
CA GLY B 52 -17.70 7.43 -2.49
C GLY B 52 -17.03 6.08 -2.25
N ALA B 53 -16.85 5.29 -3.30
CA ALA B 53 -16.22 3.98 -3.18
C ALA B 53 -14.75 4.12 -2.81
N ARG B 54 -14.24 3.19 -1.98
CA ARG B 54 -12.82 3.22 -1.59
C ARG B 54 -12.00 2.89 -2.81
N THR B 55 -10.98 3.69 -3.05
CA THR B 55 -10.13 3.53 -4.21
C THR B 55 -8.67 3.35 -3.81
N TYR B 56 -7.96 2.50 -4.55
CA TYR B 56 -6.55 2.23 -4.29
C TYR B 56 -5.80 2.48 -5.59
N SER B 57 -4.71 3.24 -5.52
CA SER B 57 -3.97 3.65 -6.71
C SER B 57 -2.46 3.49 -6.73
N SER B 58 -1.88 2.84 -5.72
CA SER B 58 -0.42 2.74 -5.64
C SER B 58 0.30 1.83 -6.63
N GLY B 59 -0.38 0.80 -7.12
CA GLY B 59 0.28 -0.13 -8.03
C GLY B 59 0.71 -1.37 -7.27
N GLN B 60 0.60 -1.31 -5.95
CA GLN B 60 0.93 -2.45 -5.11
C GLN B 60 0.02 -2.35 -3.89
N ASP B 61 -1.27 -2.41 -4.16
CA ASP B 61 -2.29 -2.27 -3.13
C ASP B 61 -2.68 -3.53 -2.39
N ARG B 62 -2.50 -3.52 -1.07
CA ARG B 62 -2.91 -4.68 -0.25
C ARG B 62 -4.30 -4.34 0.26
N ILE B 63 -5.27 -5.19 -0.06
CA ILE B 63 -6.65 -4.99 0.34
C ILE B 63 -7.15 -6.23 1.06
N LYS B 64 -7.61 -6.09 2.30
CA LYS B 64 -8.11 -7.25 3.04
C LYS B 64 -9.53 -7.56 2.65
N LEU B 65 -9.83 -8.84 2.51
CA LEU B 65 -11.16 -9.29 2.13
C LEU B 65 -12.08 -9.39 3.35
N THR B 66 -13.38 -9.15 3.13
CA THR B 66 -14.33 -9.27 4.21
C THR B 66 -15.20 -10.46 3.83
N ARG B 67 -15.87 -11.04 4.81
CA ARG B 67 -16.70 -12.20 4.55
C ARG B 67 -17.76 -11.82 3.54
N GLY B 68 -17.96 -12.67 2.55
CA GLY B 68 -18.96 -12.40 1.54
C GLY B 68 -18.35 -12.00 0.21
N GLN B 69 -19.20 -11.49 -0.68
CA GLN B 69 -18.77 -11.07 -2.01
C GLN B 69 -17.92 -9.80 -1.94
N ASN B 70 -16.78 -9.83 -2.61
CA ASN B 70 -15.88 -8.68 -2.67
C ASN B 70 -15.73 -8.39 -4.16
N TYR B 71 -16.23 -7.24 -4.60
CA TYR B 71 -16.16 -6.86 -6.02
C TYR B 71 -15.13 -5.75 -6.22
N PHE B 72 -14.38 -5.86 -7.31
CA PHE B 72 -13.38 -4.84 -7.63
C PHE B 72 -13.37 -4.56 -9.12
N ILE B 73 -13.17 -3.29 -9.48
CA ILE B 73 -13.09 -2.93 -10.89
C ILE B 73 -12.09 -1.82 -11.02
N CYS B 74 -11.63 -1.59 -12.25
CA CYS B 74 -10.74 -0.47 -12.54
C CYS B 74 -11.73 0.55 -13.14
N SER B 75 -11.73 1.78 -12.66
CA SER B 75 -12.70 2.73 -13.16
C SER B 75 -12.27 3.56 -14.35
N PHE B 76 -11.05 3.35 -14.87
CA PHE B 76 -10.61 4.16 -15.99
C PHE B 76 -11.50 3.86 -17.21
N PRO B 77 -11.74 4.87 -18.06
CA PRO B 77 -12.59 4.73 -19.25
C PRO B 77 -12.38 3.45 -20.06
N GLY B 78 -13.43 2.62 -20.07
CA GLY B 78 -13.39 1.38 -20.81
C GLY B 78 -12.60 0.24 -20.19
N HIS B 79 -11.92 0.46 -19.06
CA HIS B 79 -11.15 -0.66 -18.49
C HIS B 79 -12.00 -1.77 -17.90
N CYS B 80 -13.04 -1.43 -17.15
CA CYS B 80 -13.89 -2.46 -16.58
C CYS B 80 -14.58 -3.21 -17.73
N GLY B 81 -15.02 -2.46 -18.73
CA GLY B 81 -15.67 -3.08 -19.88
C GLY B 81 -14.71 -4.03 -20.60
N GLY B 82 -13.42 -3.68 -20.57
CA GLY B 82 -12.44 -4.51 -21.24
C GLY B 82 -11.94 -5.68 -20.42
N GLY B 83 -12.58 -5.98 -19.30
CA GLY B 83 -12.14 -7.13 -18.51
C GLY B 83 -11.59 -6.88 -17.11
N MET B 84 -11.30 -5.64 -16.75
CA MET B 84 -10.74 -5.35 -15.42
C MET B 84 -11.78 -5.31 -14.34
N LYS B 85 -12.17 -6.48 -13.88
CA LYS B 85 -13.16 -6.58 -12.82
C LYS B 85 -13.07 -7.98 -12.25
N ILE B 86 -13.29 -8.12 -10.96
CA ILE B 86 -13.25 -9.44 -10.35
C ILE B 86 -14.21 -9.54 -9.18
N ALA B 87 -14.92 -10.65 -9.10
CA ALA B 87 -15.86 -10.91 -8.01
C ALA B 87 -15.28 -12.03 -7.16
N ILE B 88 -14.86 -11.71 -5.94
CA ILE B 88 -14.28 -12.72 -5.05
C ILE B 88 -15.13 -13.00 -3.83
N ASN B 89 -15.39 -14.29 -3.59
CA ASN B 89 -16.20 -14.70 -2.45
C ASN B 89 -15.35 -15.18 -1.30
N ALA B 90 -15.29 -14.43 -0.21
CA ALA B 90 -14.48 -14.81 0.94
C ALA B 90 -15.37 -15.60 1.90
N LYS B 91 -14.93 -16.80 2.27
CA LYS B 91 -15.68 -17.67 3.18
C LYS B 91 -15.31 -17.39 4.61
N ALA C 1 12.42 28.24 -23.02
CA ALA C 1 12.31 27.50 -24.30
C ALA C 1 11.63 26.15 -24.09
N VAL C 2 10.97 25.65 -25.12
CA VAL C 2 10.30 24.37 -25.07
C VAL C 2 10.92 23.36 -26.04
N TYR C 3 11.26 22.19 -25.54
CA TYR C 3 11.85 21.14 -26.38
C TYR C 3 11.04 19.84 -26.32
N ASN C 4 10.90 19.18 -27.47
CA ASN C 4 10.17 17.92 -27.55
C ASN C 4 11.16 16.80 -27.43
N ILE C 5 10.87 15.85 -26.55
CA ILE C 5 11.74 14.70 -26.35
C ILE C 5 11.00 13.46 -26.87
N GLY C 6 11.68 12.66 -27.68
CA GLY C 6 11.09 11.43 -28.19
C GLY C 6 11.31 10.41 -27.10
N TRP C 7 10.28 10.20 -26.29
CA TRP C 7 10.37 9.29 -25.17
C TRP C 7 10.03 7.86 -25.55
N SER C 8 11.06 7.04 -25.67
CA SER C 8 10.95 5.63 -26.02
C SER C 8 12.23 4.95 -25.56
N PHE C 9 12.39 3.66 -25.87
CA PHE C 9 13.58 2.92 -25.44
C PHE C 9 14.84 3.61 -25.97
N ASN C 10 14.76 4.12 -27.20
CA ASN C 10 15.88 4.85 -27.78
C ASN C 10 15.49 6.32 -27.71
N VAL C 11 15.77 6.96 -26.58
CA VAL C 11 15.42 8.36 -26.37
C VAL C 11 16.09 9.29 -27.38
N ASN C 12 15.40 10.33 -27.78
CA ASN C 12 15.96 11.27 -28.73
C ASN C 12 15.48 12.71 -28.51
N GLY C 13 16.28 13.67 -28.96
CA GLY C 13 15.93 15.07 -28.84
C GLY C 13 16.66 15.79 -27.74
N ALA C 14 17.41 15.05 -26.93
CA ALA C 14 18.15 15.67 -25.83
C ALA C 14 19.64 15.42 -25.98
N ARG C 15 20.17 15.72 -27.15
CA ARG C 15 21.58 15.48 -27.42
C ARG C 15 22.25 16.55 -28.29
N GLY C 16 21.56 17.66 -28.53
CA GLY C 16 22.16 18.71 -29.34
C GLY C 16 21.72 20.12 -28.99
N LYS C 17 21.31 20.32 -27.73
CA LYS C 17 20.85 21.63 -27.28
C LYS C 17 21.61 22.12 -26.06
N SER C 18 21.38 23.38 -25.70
CA SER C 18 22.02 23.98 -24.54
C SER C 18 20.90 24.24 -23.53
N PHE C 19 20.62 23.24 -22.70
CA PHE C 19 19.54 23.34 -21.73
C PHE C 19 19.82 24.35 -20.63
N ARG C 20 18.80 25.12 -20.30
CA ARG C 20 18.89 26.15 -19.28
C ARG C 20 17.77 25.96 -18.26
N ALA C 21 18.06 26.26 -17.01
CA ALA C 21 17.06 26.15 -15.96
C ALA C 21 15.85 26.94 -16.46
N GLY C 22 14.65 26.44 -16.24
CA GLY C 22 13.48 27.17 -16.71
C GLY C 22 12.98 26.64 -18.04
N ASP C 23 13.82 25.98 -18.82
CA ASP C 23 13.37 25.40 -20.07
C ASP C 23 12.35 24.32 -19.73
N VAL C 24 11.47 24.03 -20.68
CA VAL C 24 10.43 23.04 -20.50
C VAL C 24 10.61 21.90 -21.48
N LEU C 25 10.54 20.66 -21.00
CA LEU C 25 10.67 19.50 -21.86
C LEU C 25 9.29 18.91 -22.04
N VAL C 26 9.00 18.44 -23.25
CA VAL C 26 7.72 17.81 -23.55
C VAL C 26 7.98 16.37 -23.93
N PHE C 27 7.65 15.45 -23.04
CA PHE C 27 7.87 14.04 -23.31
C PHE C 27 6.73 13.51 -24.18
N LYS C 28 7.07 13.10 -25.40
CA LYS C 28 6.08 12.59 -26.34
C LYS C 28 6.17 11.09 -26.54
N TYR C 29 5.04 10.42 -26.32
CA TYR C 29 4.93 8.99 -26.50
C TYR C 29 3.43 8.66 -26.54
N ILE C 30 3.12 7.39 -26.80
CA ILE C 30 1.73 6.94 -26.85
C ILE C 30 1.25 6.69 -25.43
N LYS C 31 0.14 7.33 -25.04
CA LYS C 31 -0.39 7.15 -23.70
C LYS C 31 -0.72 5.68 -23.44
N GLY C 32 -0.24 5.15 -22.32
CA GLY C 32 -0.49 3.76 -21.98
C GLY C 32 0.69 2.87 -22.30
N GLN C 33 1.69 3.40 -23.00
CA GLN C 33 2.87 2.62 -23.38
C GLN C 33 4.10 2.92 -22.54
N HIS C 34 4.17 4.12 -21.96
CA HIS C 34 5.29 4.53 -21.11
C HIS C 34 4.78 5.57 -20.12
N ASN C 35 5.65 6.01 -19.22
CA ASN C 35 5.33 7.08 -18.30
C ASN C 35 6.64 7.81 -18.05
N VAL C 36 6.58 8.92 -17.31
CA VAL C 36 7.78 9.68 -17.01
C VAL C 36 7.80 9.90 -15.51
N VAL C 37 8.89 9.51 -14.85
CA VAL C 37 8.98 9.71 -13.39
C VAL C 37 10.22 10.54 -13.07
N ALA C 38 10.08 11.63 -12.33
CA ALA C 38 11.24 12.43 -11.96
C ALA C 38 11.77 11.83 -10.65
N VAL C 39 13.06 11.49 -10.62
CA VAL C 39 13.69 10.89 -9.46
C VAL C 39 14.96 11.65 -9.10
N ASN C 40 15.56 11.33 -7.97
CA ASN C 40 16.82 11.95 -7.58
C ASN C 40 17.95 11.03 -8.06
N GLY C 41 19.19 11.35 -7.71
CA GLY C 41 20.32 10.55 -8.14
C GLY C 41 20.30 9.06 -7.85
N ARG C 42 20.05 8.69 -6.61
CA ARG C 42 20.02 7.28 -6.26
C ARG C 42 18.87 6.58 -6.99
N GLY C 43 17.74 7.26 -7.15
CA GLY C 43 16.61 6.65 -7.85
C GLY C 43 16.93 6.42 -9.32
N TYR C 44 17.71 7.31 -9.91
CA TYR C 44 18.12 7.19 -11.29
C TYR C 44 19.08 5.99 -11.41
N ALA C 45 20.07 5.95 -10.52
CA ALA C 45 21.06 4.87 -10.54
C ALA C 45 20.50 3.47 -10.40
N SER C 46 19.49 3.29 -9.55
CA SER C 46 18.94 1.96 -9.35
C SER C 46 17.64 1.72 -10.11
N CYS C 47 17.24 2.67 -10.95
CA CYS C 47 16.01 2.52 -11.70
C CYS C 47 14.81 2.26 -10.77
N SER C 48 14.79 2.89 -9.60
CA SER C 48 13.69 2.70 -8.66
C SER C 48 13.02 4.02 -8.26
N ALA C 49 11.73 4.16 -8.58
CA ALA C 49 11.02 5.37 -8.23
C ALA C 49 10.40 5.18 -6.86
N PRO C 50 10.50 6.18 -5.98
CA PRO C 50 9.92 6.02 -4.65
C PRO C 50 8.41 5.92 -4.81
N ARG C 51 7.77 5.22 -3.88
CA ARG C 51 6.33 5.00 -3.89
C ARG C 51 5.49 6.23 -4.22
N GLY C 52 5.85 7.38 -3.64
CA GLY C 52 5.09 8.59 -3.88
C GLY C 52 5.64 9.59 -4.90
N ALA C 53 6.58 9.15 -5.74
CA ALA C 53 7.18 10.01 -6.76
C ALA C 53 6.13 10.49 -7.77
N ARG C 54 6.26 11.71 -8.28
CA ARG C 54 5.29 12.20 -9.26
C ARG C 54 5.45 11.32 -10.50
N THR C 55 4.35 10.73 -10.95
CA THR C 55 4.37 9.88 -12.14
C THR C 55 3.48 10.52 -13.20
N TYR C 56 4.07 10.89 -14.33
CA TYR C 56 3.34 11.54 -15.42
C TYR C 56 2.97 10.48 -16.45
N SER C 57 1.73 10.51 -16.94
CA SER C 57 1.30 9.46 -17.88
C SER C 57 0.49 9.94 -19.07
N SER C 58 0.49 11.24 -19.33
CA SER C 58 -0.31 11.82 -20.43
C SER C 58 0.14 11.51 -21.87
N GLY C 59 1.42 11.22 -22.08
CA GLY C 59 1.86 10.94 -23.43
C GLY C 59 2.40 12.21 -24.05
N GLN C 60 2.24 13.32 -23.33
CA GLN C 60 2.71 14.62 -23.78
C GLN C 60 2.91 15.45 -22.51
N ASP C 61 3.73 14.94 -21.60
CA ASP C 61 3.96 15.61 -20.33
C ASP C 61 4.90 16.79 -20.47
N ARG C 62 4.51 17.91 -19.87
CA ARG C 62 5.32 19.11 -19.91
C ARG C 62 6.00 19.27 -18.58
N ILE C 63 7.33 19.17 -18.60
CA ILE C 63 8.09 19.27 -17.36
C ILE C 63 9.16 20.37 -17.40
N LYS C 64 9.14 21.23 -16.38
CA LYS C 64 10.10 22.33 -16.29
C LYS C 64 11.42 21.88 -15.65
N LEU C 65 12.53 22.17 -16.32
CA LEU C 65 13.84 21.81 -15.82
C LEU C 65 14.34 22.76 -14.74
N THR C 66 14.94 22.20 -13.68
CA THR C 66 15.49 23.01 -12.60
C THR C 66 17.02 23.09 -12.80
N ARG C 67 17.66 24.10 -12.22
CA ARG C 67 19.10 24.24 -12.35
C ARG C 67 19.80 22.97 -11.85
N GLY C 68 20.80 22.53 -12.59
CA GLY C 68 21.51 21.32 -12.19
C GLY C 68 20.98 20.08 -12.89
N GLN C 69 21.24 18.92 -12.30
CA GLN C 69 20.81 17.65 -12.86
C GLN C 69 19.31 17.39 -12.72
N ASN C 70 18.71 16.89 -13.79
CA ASN C 70 17.29 16.55 -13.82
C ASN C 70 17.25 15.10 -14.31
N TYR C 71 16.86 14.18 -13.41
CA TYR C 71 16.81 12.75 -13.74
C TYR C 71 15.41 12.21 -14.03
N PHE C 72 15.26 11.51 -15.15
CA PHE C 72 13.96 10.95 -15.50
C PHE C 72 14.08 9.47 -15.89
N ILE C 73 13.07 8.69 -15.53
CA ILE C 73 13.06 7.28 -15.90
C ILE C 73 11.64 6.90 -16.28
N CYS C 74 11.49 5.78 -16.99
CA CYS C 74 10.18 5.24 -17.30
C CYS C 74 10.11 4.10 -16.28
N SER C 75 9.00 4.00 -15.54
CA SER C 75 8.90 2.96 -14.52
C SER C 75 8.17 1.67 -14.95
N PHE C 76 7.83 1.56 -16.23
CA PHE C 76 7.17 0.33 -16.71
C PHE C 76 8.25 -0.74 -16.48
N PRO C 77 7.90 -1.88 -15.89
CA PRO C 77 8.92 -2.92 -15.64
C PRO C 77 9.75 -3.27 -16.88
N GLY C 78 11.08 -3.23 -16.72
CA GLY C 78 11.97 -3.53 -17.83
C GLY C 78 12.34 -2.33 -18.69
N HIS C 79 11.59 -1.23 -18.59
CA HIS C 79 11.90 -0.11 -19.43
C HIS C 79 13.15 0.64 -19.00
N CYS C 80 13.27 0.92 -17.70
CA CYS C 80 14.43 1.66 -17.22
C CYS C 80 15.71 0.82 -17.39
N GLY C 81 15.65 -0.47 -17.03
CA GLY C 81 16.82 -1.32 -17.20
C GLY C 81 17.10 -1.55 -18.65
N GLY C 82 16.07 -1.35 -19.49
CA GLY C 82 16.23 -1.51 -20.91
C GLY C 82 16.75 -0.22 -21.51
N GLY C 83 17.10 0.72 -20.63
CA GLY C 83 17.66 1.99 -21.07
C GLY C 83 16.74 3.20 -21.18
N MET C 84 15.49 3.09 -20.70
CA MET C 84 14.62 4.24 -20.80
C MET C 84 14.79 5.17 -19.61
N LYS C 85 15.81 6.02 -19.70
CA LYS C 85 16.11 6.97 -18.64
C LYS C 85 17.00 8.04 -19.26
N ILE C 86 17.02 9.21 -18.65
CA ILE C 86 17.88 10.26 -19.15
C ILE C 86 18.21 11.25 -18.04
N ALA C 87 19.44 11.75 -18.07
CA ALA C 87 19.90 12.75 -17.08
C ALA C 87 20.16 13.99 -17.91
N ILE C 88 19.49 15.09 -17.60
CA ILE C 88 19.69 16.32 -18.35
C ILE C 88 20.19 17.40 -17.40
N ASN C 89 21.30 18.04 -17.78
CA ASN C 89 21.89 19.11 -16.98
C ASN C 89 21.49 20.48 -17.48
N ALA C 90 20.80 21.24 -16.63
CA ALA C 90 20.34 22.56 -16.99
C ALA C 90 21.23 23.60 -16.32
N LYS C 91 21.76 24.53 -17.12
CA LYS C 91 22.65 25.56 -16.60
C LYS C 91 21.84 26.73 -16.09
#